data_8WZL
#
_entry.id   8WZL
#
_cell.length_a   47.308
_cell.length_b   74.475
_cell.length_c   47.590
_cell.angle_alpha   90.00
_cell.angle_beta   112.02
_cell.angle_gamma   90.00
#
_symmetry.space_group_name_H-M   'P 1 21 1'
#
loop_
_entity.id
_entity.type
_entity.pdbx_description
1 polymer 'Histone deacetylase 7'
2 non-polymer 'SULFATE ION'
3 water water
#
_entity_poly.entity_id   1
_entity_poly.type   'polypeptide(L)'
_entity_poly.pdbx_seq_one_letter_code
;GKRRVSYFYEPMIGDYYYGVNQPTKPQRIRVTHNLILSYNLHRHMEINHPDLADASDFEKFHSLEYINFLKSVTPETVTD
PHPSVSENLKRFNVDVDWDGPVFHNLFDYCRAYAGGSISAAAKLNRQEADIAINWAGGMHHVKKDKASGFGYVNDVVLAI
LELLKSFKRVLYIEIGFPHGDEVEEAFKDTDRVMTVSFHKVGDTGDISDYGEGKGQYYSLNAPLKDGLDDFSLRGLFIPV
IHRAMEIYEPEVIVLQCGADSLAGDPFGTFNLSIKGHGDCLQYVRSFNVPLMILGGGGYTLPNVARCWCYETAIAVGEQL
DNDLPGNDYMKYFRPDYKLHILPTNRQNLNTRLDIITMRETLLAQLSLVMHAPSVPLEHHHHHH
;
_entity_poly.pdbx_strand_id   A
#
# COMPACT_ATOMS: atom_id res chain seq x y z
N GLY A 1 21.35 8.74 16.37
CA GLY A 1 21.04 7.31 16.26
C GLY A 1 19.78 7.04 15.46
N LYS A 2 19.46 7.94 14.51
CA LYS A 2 18.21 7.89 13.77
C LYS A 2 18.17 6.65 12.87
N ARG A 3 16.94 6.27 12.53
CA ARG A 3 16.80 5.16 11.54
C ARG A 3 17.34 5.58 10.17
N ARG A 4 17.99 4.65 9.48
CA ARG A 4 18.43 4.88 8.11
C ARG A 4 17.23 4.61 7.19
N VAL A 5 16.84 5.65 6.47
CA VAL A 5 15.66 5.63 5.64
C VAL A 5 16.08 5.82 4.19
N SER A 6 15.70 4.83 3.38
CA SER A 6 15.88 4.87 1.93
C SER A 6 14.53 5.09 1.28
N TYR A 7 14.45 6.07 0.38
CA TYR A 7 13.21 6.47 -0.26
C TYR A 7 13.36 6.26 -1.76
N PHE A 8 12.52 5.41 -2.34
CA PHE A 8 12.63 5.07 -3.74
C PHE A 8 11.67 5.91 -4.55
N TYR A 9 12.20 6.50 -5.63
CA TYR A 9 11.45 7.37 -6.50
C TYR A 9 12.05 7.29 -7.90
N GLU A 10 11.19 7.06 -8.89
CA GLU A 10 11.53 7.23 -10.30
C GLU A 10 11.03 8.57 -10.83
N PRO A 11 11.89 9.59 -11.05
CA PRO A 11 11.42 10.89 -11.51
C PRO A 11 10.73 10.88 -12.88
N MET A 12 10.91 9.80 -13.66
CA MET A 12 10.19 9.72 -14.92
C MET A 12 8.80 9.06 -14.77
N ILE A 13 8.38 8.71 -13.55
CA ILE A 13 7.14 7.94 -13.44
C ILE A 13 5.96 8.76 -13.93
N GLY A 14 5.96 10.08 -13.66
CA GLY A 14 4.91 10.97 -14.17
C GLY A 14 4.88 11.06 -15.70
N ASP A 15 6.07 10.97 -16.31
CA ASP A 15 6.20 10.91 -17.76
C ASP A 15 5.63 9.62 -18.33
N TYR A 16 5.86 8.47 -17.67
CA TYR A 16 5.26 7.21 -18.09
C TYR A 16 3.75 7.23 -17.88
N TYR A 17 3.26 7.99 -16.89
CA TYR A 17 1.84 7.94 -16.54
C TYR A 17 1.03 8.87 -17.43
N TYR A 18 1.56 10.07 -17.72
CA TYR A 18 0.78 11.10 -18.40
C TYR A 18 1.44 11.57 -19.68
N GLY A 19 2.67 11.12 -19.95
CA GLY A 19 3.39 11.54 -21.14
C GLY A 19 4.37 12.66 -20.82
N VAL A 20 5.36 12.83 -21.69
CA VAL A 20 6.42 13.80 -21.44
C VAL A 20 5.93 15.22 -21.63
N ASN A 21 4.78 15.43 -22.29
CA ASN A 21 4.36 16.80 -22.54
C ASN A 21 3.23 17.25 -21.59
N GLN A 22 2.99 16.50 -20.50
CA GLN A 22 2.09 16.91 -19.43
C GLN A 22 2.86 17.00 -18.10
N PRO A 23 3.95 17.82 -17.99
CA PRO A 23 4.79 17.82 -16.78
C PRO A 23 4.13 18.39 -15.53
N THR A 24 3.07 19.22 -15.70
CA THR A 24 2.38 19.84 -14.58
C THR A 24 0.99 19.22 -14.34
N LYS A 25 0.54 18.26 -15.18
CA LYS A 25 -0.67 17.53 -14.86
C LYS A 25 -0.45 16.82 -13.53
N PRO A 26 -1.36 16.97 -12.57
CA PRO A 26 -1.15 16.43 -11.23
C PRO A 26 -1.19 14.90 -11.28
N GLN A 27 -0.10 14.31 -10.82
CA GLN A 27 0.08 12.87 -10.77
C GLN A 27 0.42 12.54 -9.32
N ARG A 28 -0.25 11.54 -8.75
CA ARG A 28 -0.26 11.38 -7.31
C ARG A 28 1.15 11.20 -6.72
N ILE A 29 2.04 10.44 -7.38
CA ILE A 29 3.39 10.24 -6.87
C ILE A 29 4.28 11.49 -7.06
N ARG A 30 4.15 12.16 -8.20
CA ARG A 30 4.90 13.38 -8.45
C ARG A 30 4.50 14.49 -7.46
N VAL A 31 3.20 14.57 -7.13
CA VAL A 31 2.75 15.59 -6.18
C VAL A 31 3.20 15.23 -4.75
N THR A 32 3.08 13.95 -4.37
CA THR A 32 3.56 13.50 -3.07
C THR A 32 5.04 13.89 -2.92
N HIS A 33 5.84 13.60 -3.97
CA HIS A 33 7.25 13.94 -3.92
C HIS A 33 7.48 15.45 -3.72
N ASN A 34 6.69 16.27 -4.44
CA ASN A 34 6.71 17.72 -4.36
C ASN A 34 6.48 18.18 -2.92
N LEU A 35 5.44 17.64 -2.27
CA LEU A 35 5.17 18.02 -0.88
C LEU A 35 6.29 17.60 0.07
N ILE A 36 6.85 16.41 -0.13
CA ILE A 36 7.94 15.93 0.72
C ILE A 36 9.15 16.85 0.65
N LEU A 37 9.51 17.31 -0.56
CA LEU A 37 10.62 18.23 -0.72
C LEU A 37 10.26 19.62 -0.17
N SER A 38 8.98 20.02 -0.27
CA SER A 38 8.54 21.30 0.29
C SER A 38 8.75 21.39 1.81
N TYR A 39 8.79 20.23 2.48
CA TYR A 39 9.03 20.13 3.91
C TYR A 39 10.47 19.74 4.22
N ASN A 40 11.33 19.71 3.20
CA ASN A 40 12.76 19.49 3.39
C ASN A 40 13.10 18.10 3.91
N LEU A 41 12.24 17.12 3.62
CA LEU A 41 12.43 15.76 4.11
C LEU A 41 13.56 15.05 3.39
N HIS A 42 13.99 15.54 2.21
CA HIS A 42 15.17 15.03 1.55
C HIS A 42 16.44 15.15 2.39
N ARG A 43 16.44 16.07 3.37
CA ARG A 43 17.57 16.26 4.26
C ARG A 43 17.72 15.11 5.28
N HIS A 44 16.75 14.19 5.33
CA HIS A 44 16.65 13.25 6.44
C HIS A 44 16.52 11.82 5.95
N MET A 45 16.76 11.60 4.64
CA MET A 45 16.67 10.27 4.08
C MET A 45 17.53 10.23 2.82
N GLU A 46 17.87 9.03 2.39
CA GLU A 46 18.54 8.82 1.13
C GLU A 46 17.48 8.63 0.04
N ILE A 47 17.65 9.36 -1.06
CA ILE A 47 16.77 9.25 -2.22
C ILE A 47 17.46 8.33 -3.23
N ASN A 48 16.79 7.22 -3.56
CA ASN A 48 17.33 6.17 -4.42
C ASN A 48 16.46 5.98 -5.66
N HIS A 49 17.12 5.76 -6.80
CA HIS A 49 16.43 5.38 -8.02
C HIS A 49 16.22 3.87 -7.97
N PRO A 50 15.00 3.33 -8.19
CA PRO A 50 14.83 1.88 -8.19
C PRO A 50 15.47 1.26 -9.43
N ASP A 51 15.92 0.04 -9.25
CA ASP A 51 16.17 -0.82 -10.40
C ASP A 51 14.82 -1.16 -11.00
N LEU A 52 14.64 -0.91 -12.32
CA LEU A 52 13.41 -1.35 -12.98
C LEU A 52 13.21 -2.87 -12.89
N ALA A 53 11.96 -3.27 -12.59
CA ALA A 53 11.51 -4.64 -12.75
C ALA A 53 11.37 -4.94 -14.23
N ASP A 54 11.27 -6.23 -14.56
CA ASP A 54 10.98 -6.64 -15.93
C ASP A 54 9.92 -7.74 -15.97
N ALA A 55 9.64 -8.21 -17.19
CA ALA A 55 8.57 -9.18 -17.37
C ALA A 55 8.87 -10.44 -16.57
N SER A 56 10.13 -10.86 -16.49
CA SER A 56 10.47 -12.07 -15.77
C SER A 56 10.15 -11.94 -14.28
N ASP A 57 10.28 -10.72 -13.75
CA ASP A 57 9.93 -10.53 -12.35
C ASP A 57 8.41 -10.69 -12.18
N PHE A 58 7.65 -10.05 -13.07
CA PHE A 58 6.19 -10.10 -13.00
C PHE A 58 5.65 -11.54 -13.11
N GLU A 59 6.34 -12.35 -13.89
CA GLU A 59 5.84 -13.70 -14.23
C GLU A 59 6.10 -14.69 -13.09
N LYS A 60 6.73 -14.23 -12.00
CA LYS A 60 6.79 -15.06 -10.81
C LYS A 60 5.42 -15.27 -10.19
N PHE A 61 4.57 -14.24 -10.30
CA PHE A 61 3.23 -14.28 -9.78
C PHE A 61 2.18 -14.31 -10.90
N HIS A 62 2.39 -13.51 -11.95
CA HIS A 62 1.39 -13.19 -12.96
C HIS A 62 1.45 -14.19 -14.12
N SER A 63 0.32 -14.32 -14.82
CA SER A 63 0.25 -15.20 -15.98
C SER A 63 0.95 -14.54 -17.17
N LEU A 64 1.64 -15.36 -17.97
CA LEU A 64 2.31 -14.92 -19.18
C LEU A 64 1.32 -14.19 -20.11
N GLU A 65 0.11 -14.73 -20.30
CA GLU A 65 -0.84 -14.12 -21.22
C GLU A 65 -1.20 -12.70 -20.73
N TYR A 66 -1.29 -12.52 -19.40
CA TYR A 66 -1.57 -11.19 -18.88
C TYR A 66 -0.41 -10.24 -19.12
N ILE A 67 0.80 -10.66 -18.79
CA ILE A 67 1.96 -9.79 -18.92
C ILE A 67 2.20 -9.44 -20.38
N ASN A 68 1.99 -10.40 -21.29
CA ASN A 68 2.13 -10.12 -22.70
C ASN A 68 1.08 -9.11 -23.13
N PHE A 69 -0.14 -9.24 -22.60
CA PHE A 69 -1.15 -8.24 -22.91
C PHE A 69 -0.67 -6.84 -22.46
N LEU A 70 -0.17 -6.72 -21.23
CA LEU A 70 0.26 -5.40 -20.74
C LEU A 70 1.33 -4.81 -21.64
N LYS A 71 2.26 -5.64 -22.12
CA LYS A 71 3.28 -5.17 -23.05
C LYS A 71 2.67 -4.59 -24.33
N SER A 72 1.51 -5.12 -24.73
CA SER A 72 0.85 -4.69 -25.96
C SER A 72 0.04 -3.40 -25.82
N VAL A 73 -0.29 -3.02 -24.58
CA VAL A 73 -1.16 -1.86 -24.36
C VAL A 73 -0.40 -0.55 -24.60
N THR A 74 -0.78 0.14 -25.67
CA THR A 74 -0.23 1.43 -26.05
C THR A 74 -1.36 2.34 -26.48
N PRO A 75 -1.13 3.68 -26.54
CA PRO A 75 -2.18 4.56 -27.02
C PRO A 75 -2.66 4.19 -28.41
N GLU A 76 -1.74 3.73 -29.27
CA GLU A 76 -2.13 3.37 -30.62
C GLU A 76 -3.02 2.13 -30.61
N THR A 77 -2.74 1.13 -29.76
CA THR A 77 -3.53 -0.10 -29.78
C THR A 77 -4.88 0.04 -29.07
N VAL A 78 -5.00 0.95 -28.09
CA VAL A 78 -6.24 1.00 -27.33
C VAL A 78 -7.14 2.17 -27.73
N THR A 79 -6.65 3.06 -28.60
CA THR A 79 -7.50 4.10 -29.17
C THR A 79 -8.13 3.55 -30.45
N ASP A 80 -9.47 3.67 -30.50
CA ASP A 80 -10.27 3.06 -31.54
C ASP A 80 -9.90 1.57 -31.58
N PRO A 81 -10.08 0.85 -30.46
CA PRO A 81 -9.61 -0.52 -30.35
C PRO A 81 -10.37 -1.49 -31.25
N HIS A 82 -9.62 -2.42 -31.82
CA HIS A 82 -10.21 -3.56 -32.48
C HIS A 82 -11.05 -4.34 -31.47
N PRO A 83 -12.18 -4.98 -31.87
CA PRO A 83 -12.96 -5.74 -30.90
C PRO A 83 -12.16 -6.77 -30.10
N SER A 84 -11.12 -7.38 -30.72
CA SER A 84 -10.28 -8.33 -30.00
C SER A 84 -9.53 -7.65 -28.86
N VAL A 85 -9.10 -6.39 -29.06
CA VAL A 85 -8.45 -5.62 -28.01
C VAL A 85 -9.46 -5.29 -26.91
N SER A 86 -10.66 -4.81 -27.29
CA SER A 86 -11.68 -4.54 -26.27
C SER A 86 -12.01 -5.78 -25.41
N GLU A 87 -12.06 -6.97 -26.01
CA GLU A 87 -12.38 -8.19 -25.31
C GLU A 87 -11.27 -8.51 -24.31
N ASN A 88 -10.01 -8.31 -24.72
CA ASN A 88 -8.90 -8.51 -23.81
C ASN A 88 -8.91 -7.47 -22.68
N LEU A 89 -9.25 -6.22 -23.00
CA LEU A 89 -9.30 -5.19 -21.96
C LEU A 89 -10.29 -5.65 -20.89
N LYS A 90 -11.40 -6.28 -21.30
CA LYS A 90 -12.40 -6.78 -20.35
C LYS A 90 -11.87 -8.00 -19.58
N ARG A 91 -11.29 -8.97 -20.31
CA ARG A 91 -10.77 -10.22 -19.72
C ARG A 91 -9.70 -9.93 -18.66
N PHE A 92 -8.82 -8.94 -18.93
CA PHE A 92 -7.73 -8.62 -18.03
C PHE A 92 -8.01 -7.40 -17.14
N ASN A 93 -9.27 -6.94 -17.16
CA ASN A 93 -9.75 -5.87 -16.31
C ASN A 93 -8.88 -4.60 -16.40
N VAL A 94 -8.61 -4.17 -17.64
CA VAL A 94 -7.88 -2.95 -17.89
C VAL A 94 -8.86 -1.85 -18.33
N ASP A 95 -9.03 -0.90 -17.44
CA ASP A 95 -9.92 0.22 -17.64
C ASP A 95 -9.24 1.28 -18.51
N VAL A 96 -9.88 1.67 -19.63
CA VAL A 96 -9.28 2.62 -20.56
C VAL A 96 -10.12 3.88 -20.67
N ASP A 97 -10.94 4.13 -19.65
CA ASP A 97 -11.87 5.24 -19.58
C ASP A 97 -11.34 6.36 -18.69
N TRP A 98 -10.01 6.48 -18.54
CA TRP A 98 -9.40 7.69 -17.97
C TRP A 98 -8.07 7.92 -18.68
N ASP A 99 -7.60 9.18 -18.85
CA ASP A 99 -6.20 9.38 -19.21
C ASP A 99 -5.36 8.78 -18.10
N GLY A 100 -4.29 8.11 -18.48
CA GLY A 100 -3.44 7.39 -17.54
C GLY A 100 -2.41 6.55 -18.28
N PRO A 101 -1.62 5.71 -17.59
CA PRO A 101 -0.47 5.07 -18.22
C PRO A 101 -0.80 4.20 -19.44
N VAL A 102 -2.05 3.70 -19.52
CA VAL A 102 -2.49 2.98 -20.72
C VAL A 102 -2.15 3.81 -21.97
N PHE A 103 -2.34 5.13 -21.91
CA PHE A 103 -2.20 6.00 -23.08
C PHE A 103 -0.81 6.62 -23.21
N HIS A 104 0.19 6.14 -22.47
CA HIS A 104 1.50 6.78 -22.45
C HIS A 104 2.57 5.70 -22.49
N ASN A 105 3.01 5.21 -21.34
CA ASN A 105 3.96 4.11 -21.30
C ASN A 105 3.61 3.19 -20.14
N LEU A 106 2.60 2.34 -20.38
CA LEU A 106 2.07 1.48 -19.33
C LEU A 106 3.16 0.56 -18.78
N PHE A 107 3.88 -0.11 -19.67
CA PHE A 107 4.80 -1.14 -19.21
C PHE A 107 5.95 -0.54 -18.39
N ASP A 108 6.43 0.66 -18.76
CA ASP A 108 7.52 1.25 -18.01
C ASP A 108 7.01 1.82 -16.69
N TYR A 109 5.75 2.29 -16.68
CA TYR A 109 5.11 2.62 -15.42
C TYR A 109 5.16 1.43 -14.45
N CYS A 110 4.81 0.24 -14.97
CA CYS A 110 4.81 -1.00 -14.19
C CYS A 110 6.23 -1.34 -13.74
N ARG A 111 7.19 -1.19 -14.63
CA ARG A 111 8.57 -1.54 -14.29
C ARG A 111 9.09 -0.62 -13.17
N ALA A 112 8.71 0.64 -13.27
CA ALA A 112 9.19 1.63 -12.27
C ALA A 112 8.52 1.47 -10.88
N TYR A 113 7.19 1.39 -10.88
CA TYR A 113 6.53 1.32 -9.55
C TYR A 113 6.85 -0.03 -8.84
N ALA A 114 6.79 -1.15 -9.58
CA ALA A 114 7.10 -2.45 -8.95
C ALA A 114 8.59 -2.55 -8.64
N GLY A 115 9.42 -2.00 -9.53
CA GLY A 115 10.84 -1.98 -9.23
C GLY A 115 11.15 -1.27 -7.91
N GLY A 116 10.38 -0.21 -7.62
CA GLY A 116 10.58 0.44 -6.35
C GLY A 116 10.37 -0.52 -5.17
N SER A 117 9.32 -1.37 -5.24
CA SER A 117 9.04 -2.25 -4.13
C SER A 117 10.09 -3.37 -4.03
N ILE A 118 10.44 -3.95 -5.19
CA ILE A 118 11.37 -5.07 -5.17
C ILE A 118 12.75 -4.52 -4.77
N SER A 119 13.10 -3.30 -5.23
CA SER A 119 14.37 -2.67 -4.88
C SER A 119 14.42 -2.33 -3.37
N ALA A 120 13.28 -1.91 -2.82
CA ALA A 120 13.20 -1.69 -1.39
C ALA A 120 13.45 -2.99 -0.62
N ALA A 121 12.86 -4.10 -1.08
CA ALA A 121 13.07 -5.38 -0.42
C ALA A 121 14.55 -5.77 -0.51
N ALA A 122 15.16 -5.60 -1.68
CA ALA A 122 16.55 -6.01 -1.82
C ALA A 122 17.45 -5.20 -0.88
N LYS A 123 17.13 -3.89 -0.70
CA LYS A 123 17.96 -3.04 0.13
C LYS A 123 17.83 -3.41 1.61
N LEU A 124 16.60 -3.74 2.05
CA LEU A 124 16.38 -4.25 3.40
C LEU A 124 17.10 -5.57 3.57
N ASN A 125 17.10 -6.42 2.52
CA ASN A 125 17.81 -7.68 2.56
C ASN A 125 19.30 -7.49 2.80
N ARG A 126 19.88 -6.44 2.21
CA ARG A 126 21.31 -6.19 2.37
C ARG A 126 21.59 -5.36 3.62
N GLN A 127 20.57 -5.04 4.41
CA GLN A 127 20.73 -4.30 5.64
C GLN A 127 21.33 -2.91 5.36
N GLU A 128 21.00 -2.32 4.21
CA GLU A 128 21.52 -1.01 3.87
C GLU A 128 20.50 0.09 4.20
N ALA A 129 19.32 -0.30 4.71
CA ALA A 129 18.29 0.61 5.20
C ALA A 129 17.58 -0.06 6.37
N ASP A 130 17.08 0.76 7.31
CA ASP A 130 16.18 0.31 8.38
C ASP A 130 14.73 0.46 7.95
N ILE A 131 14.43 1.48 7.11
CA ILE A 131 13.11 1.73 6.57
C ILE A 131 13.30 2.01 5.08
N ALA A 132 12.53 1.35 4.25
CA ALA A 132 12.57 1.56 2.80
C ALA A 132 11.17 1.91 2.33
N ILE A 133 11.01 3.03 1.61
CA ILE A 133 9.72 3.56 1.22
C ILE A 133 9.59 3.50 -0.29
N ASN A 134 8.44 3.05 -0.76
CA ASN A 134 8.07 3.14 -2.18
C ASN A 134 6.62 3.55 -2.31
N TRP A 135 6.35 4.85 -2.36
CA TRP A 135 4.98 5.31 -2.39
C TRP A 135 4.24 4.88 -3.64
N ALA A 136 4.96 4.70 -4.75
CA ALA A 136 4.33 4.29 -6.00
C ALA A 136 3.86 2.84 -5.98
N GLY A 137 4.24 2.06 -4.96
CA GLY A 137 3.83 0.67 -4.85
C GLY A 137 2.60 0.49 -3.97
N GLY A 138 2.36 -0.75 -3.55
CA GLY A 138 1.26 -1.07 -2.66
C GLY A 138 0.01 -1.58 -3.37
N MET A 139 0.17 -2.08 -4.62
CA MET A 139 -0.94 -2.51 -5.47
C MET A 139 -1.40 -3.92 -5.10
N HIS A 140 -1.84 -4.09 -3.84
CA HIS A 140 -2.16 -5.43 -3.25
C HIS A 140 -3.37 -6.15 -3.84
N HIS A 141 -4.19 -5.49 -4.65
CA HIS A 141 -5.42 -6.09 -5.12
C HIS A 141 -5.35 -6.48 -6.60
N VAL A 142 -4.14 -6.44 -7.17
CA VAL A 142 -3.94 -6.86 -8.55
C VAL A 142 -3.81 -8.39 -8.57
N LYS A 143 -4.61 -9.01 -9.43
CA LYS A 143 -4.67 -10.46 -9.53
C LYS A 143 -3.59 -10.99 -10.46
N LYS A 144 -3.45 -12.33 -10.50
CA LYS A 144 -2.44 -12.92 -11.36
C LYS A 144 -2.69 -12.55 -12.82
N ASP A 145 -3.97 -12.33 -13.15
CA ASP A 145 -4.41 -12.09 -14.51
C ASP A 145 -5.40 -10.96 -14.67
N LYS A 146 -5.46 -10.03 -13.71
CA LYS A 146 -6.36 -8.89 -13.83
C LYS A 146 -5.85 -7.69 -13.06
N ALA A 147 -5.99 -6.52 -13.71
CA ALA A 147 -5.61 -5.24 -13.12
C ALA A 147 -6.65 -4.78 -12.11
N SER A 148 -6.28 -3.71 -11.39
CA SER A 148 -7.17 -3.07 -10.44
C SER A 148 -6.66 -1.67 -10.11
N GLY A 149 -7.53 -0.66 -10.30
CA GLY A 149 -7.23 0.69 -9.86
C GLY A 149 -6.01 1.30 -10.56
N PHE A 150 -5.06 1.75 -9.73
CA PHE A 150 -3.79 2.28 -10.24
C PHE A 150 -2.80 1.18 -10.60
N GLY A 151 -3.22 -0.07 -10.39
CA GLY A 151 -2.32 -1.20 -10.39
C GLY A 151 -2.50 -2.15 -11.56
N TYR A 152 -1.36 -2.60 -12.13
CA TYR A 152 -1.41 -3.60 -13.20
C TYR A 152 -0.57 -4.83 -12.84
N VAL A 153 0.42 -4.67 -11.97
CA VAL A 153 1.20 -5.75 -11.40
C VAL A 153 1.11 -5.69 -9.88
N ASN A 154 1.22 -6.85 -9.22
CA ASN A 154 1.08 -6.93 -7.78
C ASN A 154 2.48 -6.84 -7.18
N ASP A 155 2.93 -5.59 -6.99
CA ASP A 155 4.26 -5.35 -6.50
C ASP A 155 4.41 -5.85 -5.06
N VAL A 156 3.28 -5.96 -4.34
CA VAL A 156 3.36 -6.33 -2.93
C VAL A 156 3.79 -7.80 -2.83
N VAL A 157 3.15 -8.68 -3.63
CA VAL A 157 3.56 -10.07 -3.62
C VAL A 157 5.03 -10.16 -3.99
N LEU A 158 5.42 -9.47 -5.08
CA LEU A 158 6.78 -9.53 -5.59
C LEU A 158 7.77 -9.06 -4.52
N ALA A 159 7.40 -8.05 -3.76
CA ALA A 159 8.30 -7.51 -2.74
C ALA A 159 8.48 -8.53 -1.61
N ILE A 160 7.37 -9.13 -1.21
CA ILE A 160 7.40 -10.11 -0.12
C ILE A 160 8.20 -11.34 -0.55
N LEU A 161 8.01 -11.81 -1.79
CA LEU A 161 8.83 -12.89 -2.31
C LEU A 161 10.32 -12.55 -2.19
N GLU A 162 10.68 -11.30 -2.52
CA GLU A 162 12.07 -10.87 -2.43
C GLU A 162 12.53 -10.91 -0.98
N LEU A 163 11.73 -10.38 -0.04
CA LEU A 163 12.12 -10.39 1.36
C LEU A 163 12.34 -11.82 1.87
N LEU A 164 11.53 -12.78 1.39
CA LEU A 164 11.63 -14.14 1.90
C LEU A 164 12.97 -14.81 1.52
N LYS A 165 13.70 -14.22 0.56
CA LYS A 165 15.04 -14.70 0.27
C LYS A 165 15.99 -14.59 1.45
N SER A 166 15.77 -13.58 2.32
CA SER A 166 16.68 -13.22 3.42
C SER A 166 16.04 -13.25 4.80
N PHE A 167 14.71 -13.17 4.90
CA PHE A 167 14.03 -13.01 6.20
C PHE A 167 13.16 -14.24 6.42
N LYS A 168 13.19 -14.75 7.67
CA LYS A 168 12.48 -15.95 8.04
C LYS A 168 10.99 -15.70 8.16
N ARG A 169 10.63 -14.52 8.69
CA ARG A 169 9.26 -14.21 9.09
C ARG A 169 8.96 -12.77 8.68
N VAL A 170 7.88 -12.59 7.91
CA VAL A 170 7.44 -11.30 7.41
C VAL A 170 6.06 -11.01 7.98
N LEU A 171 5.88 -9.82 8.60
CA LEU A 171 4.55 -9.38 8.97
C LEU A 171 4.09 -8.34 7.95
N TYR A 172 3.00 -8.64 7.28
CA TYR A 172 2.38 -7.72 6.33
C TYR A 172 1.12 -7.18 6.95
N ILE A 173 1.03 -5.84 6.98
CA ILE A 173 -0.12 -5.13 7.51
C ILE A 173 -0.66 -4.21 6.42
N GLU A 174 -1.99 -4.12 6.26
CA GLU A 174 -2.57 -3.22 5.28
C GLU A 174 -3.70 -2.42 5.91
N ILE A 175 -3.71 -1.09 5.60
CA ILE A 175 -4.78 -0.22 6.07
C ILE A 175 -5.47 0.51 4.91
N GLY A 176 -5.31 0.02 3.68
CA GLY A 176 -6.09 0.54 2.57
C GLY A 176 -7.53 0.05 2.65
N PHE A 177 -8.39 0.57 1.78
CA PHE A 177 -9.82 0.30 1.85
C PHE A 177 -10.16 -1.16 1.51
N PRO A 178 -9.77 -1.69 0.32
CA PRO A 178 -10.17 -3.05 -0.04
C PRO A 178 -9.25 -4.07 0.61
N HIS A 179 -9.82 -5.26 0.79
CA HIS A 179 -9.04 -6.44 1.17
C HIS A 179 -8.03 -6.83 0.11
N GLY A 180 -6.74 -6.90 0.51
CA GLY A 180 -5.70 -7.32 -0.43
C GLY A 180 -5.71 -8.84 -0.52
N ASP A 181 -6.82 -9.38 -1.03
CA ASP A 181 -7.00 -10.81 -1.12
C ASP A 181 -5.82 -11.49 -1.80
N GLU A 182 -5.32 -10.85 -2.86
CA GLU A 182 -4.28 -11.44 -3.66
C GLU A 182 -2.99 -11.60 -2.87
N VAL A 183 -2.71 -10.70 -1.93
CA VAL A 183 -1.56 -10.88 -1.05
C VAL A 183 -1.82 -12.00 -0.05
N GLU A 184 -2.99 -11.96 0.59
CA GLU A 184 -3.31 -12.98 1.58
C GLU A 184 -3.22 -14.38 0.93
N GLU A 185 -3.82 -14.52 -0.26
CA GLU A 185 -3.87 -15.82 -0.94
C GLU A 185 -2.48 -16.29 -1.38
N ALA A 186 -1.61 -15.37 -1.83
CA ALA A 186 -0.26 -15.77 -2.23
C ALA A 186 0.49 -16.46 -1.08
N PHE A 187 0.19 -16.07 0.17
CA PHE A 187 0.93 -16.54 1.34
C PHE A 187 0.05 -17.34 2.31
N LYS A 188 -1.15 -17.75 1.89
CA LYS A 188 -2.13 -18.28 2.83
C LYS A 188 -1.68 -19.59 3.46
N ASP A 189 -0.89 -20.41 2.76
CA ASP A 189 -0.50 -21.70 3.29
C ASP A 189 0.92 -21.71 3.85
N THR A 190 1.49 -20.54 4.21
CA THR A 190 2.78 -20.49 4.89
C THR A 190 2.65 -19.75 6.22
N ASP A 191 3.51 -20.14 7.17
CA ASP A 191 3.68 -19.41 8.42
C ASP A 191 4.86 -18.44 8.35
N ARG A 192 5.49 -18.28 7.18
CA ARG A 192 6.63 -17.38 7.04
C ARG A 192 6.17 -15.95 6.71
N VAL A 193 4.85 -15.80 6.47
CA VAL A 193 4.22 -14.51 6.40
C VAL A 193 2.98 -14.54 7.29
N MET A 194 2.83 -13.53 8.16
CA MET A 194 1.55 -13.30 8.81
C MET A 194 0.94 -12.06 8.16
N THR A 195 -0.33 -12.16 7.70
CA THR A 195 -1.00 -11.03 7.08
C THR A 195 -2.06 -10.50 8.05
N VAL A 196 -2.12 -9.18 8.18
CA VAL A 196 -3.12 -8.53 9.02
C VAL A 196 -3.76 -7.43 8.21
N SER A 197 -5.04 -7.63 7.91
CA SER A 197 -5.74 -6.78 6.97
C SER A 197 -6.92 -6.05 7.61
N PHE A 198 -6.83 -4.70 7.61
CA PHE A 198 -7.91 -3.82 8.02
C PHE A 198 -8.56 -3.29 6.75
N HIS A 199 -9.84 -3.65 6.50
CA HIS A 199 -10.45 -3.42 5.19
C HIS A 199 -11.97 -3.32 5.32
N LYS A 200 -12.59 -2.83 4.28
CA LYS A 200 -14.04 -2.78 4.19
C LYS A 200 -14.59 -4.19 4.02
N VAL A 201 -15.67 -4.47 4.75
CA VAL A 201 -16.36 -5.75 4.60
C VAL A 201 -16.74 -5.97 3.13
N GLY A 202 -16.41 -7.15 2.60
CA GLY A 202 -16.74 -7.48 1.22
C GLY A 202 -16.80 -8.98 0.99
N ASP A 203 -16.39 -9.40 -0.22
CA ASP A 203 -16.61 -10.75 -0.66
C ASP A 203 -15.51 -11.70 -0.16
N THR A 204 -14.37 -11.12 0.23
CA THR A 204 -13.22 -11.88 0.72
C THR A 204 -12.76 -11.27 2.05
N GLY A 205 -11.96 -12.04 2.82
CA GLY A 205 -11.38 -11.51 4.04
C GLY A 205 -12.35 -11.43 5.23
N ASP A 206 -13.16 -12.47 5.37
CA ASP A 206 -14.06 -12.56 6.55
C ASP A 206 -13.21 -12.85 7.80
N ILE A 207 -13.81 -12.61 8.95
CA ILE A 207 -13.02 -12.70 10.21
C ILE A 207 -12.59 -14.14 10.50
N SER A 208 -13.27 -15.12 9.90
CA SER A 208 -12.85 -16.54 10.05
C SER A 208 -12.16 -17.06 8.78
N ASP A 209 -11.54 -16.18 7.95
CA ASP A 209 -10.75 -16.61 6.76
C ASP A 209 -9.29 -16.66 7.23
N TYR A 210 -8.95 -17.49 8.20
CA TYR A 210 -7.65 -17.31 8.89
C TYR A 210 -6.51 -18.23 8.49
N GLY A 211 -6.65 -18.89 7.36
CA GLY A 211 -5.49 -19.66 6.91
C GLY A 211 -5.68 -21.15 6.77
N GLU A 212 -4.73 -21.76 6.07
CA GLU A 212 -4.87 -23.21 5.76
C GLU A 212 -3.61 -24.00 6.15
N GLY A 213 -3.78 -25.17 6.75
CA GLY A 213 -2.64 -26.05 7.03
C GLY A 213 -1.53 -25.37 7.81
N LYS A 214 -0.32 -25.30 7.24
CA LYS A 214 0.81 -24.68 7.95
C LYS A 214 0.49 -23.20 8.20
N GLY A 215 -0.38 -22.63 7.37
CA GLY A 215 -0.78 -21.21 7.52
C GLY A 215 -1.96 -20.97 8.44
N GLN A 216 -2.50 -22.02 9.08
CA GLN A 216 -3.70 -21.83 9.88
C GLN A 216 -3.41 -20.82 11.00
N TYR A 217 -4.27 -19.80 11.10
CA TYR A 217 -4.19 -18.72 12.07
C TYR A 217 -3.18 -17.62 11.70
N TYR A 218 -2.45 -17.72 10.56
CA TYR A 218 -1.47 -16.71 10.16
C TYR A 218 -2.03 -15.70 9.17
N SER A 219 -3.35 -15.76 8.91
CA SER A 219 -4.04 -14.69 8.19
C SER A 219 -5.07 -14.08 9.13
N LEU A 220 -4.92 -12.79 9.39
CA LEU A 220 -5.87 -12.07 10.23
C LEU A 220 -6.63 -11.07 9.38
N ASN A 221 -7.94 -10.97 9.65
CA ASN A 221 -8.83 -10.07 8.92
C ASN A 221 -9.73 -9.30 9.86
N ALA A 222 -9.75 -7.98 9.66
CA ALA A 222 -10.66 -7.10 10.35
C ALA A 222 -11.59 -6.47 9.32
N PRO A 223 -12.75 -7.10 9.01
CA PRO A 223 -13.71 -6.54 8.04
C PRO A 223 -14.57 -5.49 8.72
N LEU A 224 -14.37 -4.25 8.29
CA LEU A 224 -14.94 -3.10 8.99
C LEU A 224 -16.04 -2.46 8.14
N LYS A 225 -17.01 -1.84 8.83
CA LYS A 225 -18.17 -1.25 8.19
C LYS A 225 -17.87 0.19 7.77
N ASP A 226 -18.83 0.76 7.05
CA ASP A 226 -18.69 2.13 6.55
C ASP A 226 -18.42 3.10 7.71
N GLY A 227 -17.59 4.13 7.46
CA GLY A 227 -17.54 5.24 8.38
C GLY A 227 -16.47 5.13 9.45
N LEU A 228 -15.57 4.16 9.32
CA LEU A 228 -14.50 3.93 10.27
C LEU A 228 -13.82 5.27 10.57
N ASP A 229 -13.61 5.56 11.87
CA ASP A 229 -12.94 6.78 12.29
C ASP A 229 -11.61 6.45 12.98
N ASP A 230 -10.86 7.50 13.35
CA ASP A 230 -9.53 7.35 13.90
C ASP A 230 -9.59 6.56 15.22
N PHE A 231 -10.62 6.89 16.03
CA PHE A 231 -10.78 6.29 17.35
C PHE A 231 -11.01 4.78 17.24
N SER A 232 -11.93 4.43 16.35
CA SER A 232 -12.28 3.03 16.15
C SER A 232 -11.08 2.23 15.66
N LEU A 233 -10.39 2.79 14.67
CA LEU A 233 -9.26 2.07 14.11
C LEU A 233 -8.17 1.91 15.18
N ARG A 234 -7.90 2.95 15.96
CA ARG A 234 -6.84 2.85 16.94
C ARG A 234 -7.15 1.79 17.97
N GLY A 235 -8.43 1.71 18.34
CA GLY A 235 -8.86 0.80 19.38
C GLY A 235 -8.69 -0.67 18.96
N LEU A 236 -8.67 -0.91 17.65
CA LEU A 236 -8.43 -2.25 17.13
C LEU A 236 -6.96 -2.49 16.75
N PHE A 237 -6.39 -1.53 16.04
CA PHE A 237 -5.06 -1.65 15.46
C PHE A 237 -3.99 -1.87 16.52
N ILE A 238 -3.94 -1.02 17.55
CA ILE A 238 -2.83 -1.07 18.47
C ILE A 238 -2.85 -2.41 19.22
N PRO A 239 -3.95 -2.83 19.85
CA PRO A 239 -3.88 -4.09 20.60
C PRO A 239 -3.59 -5.31 19.73
N VAL A 240 -4.08 -5.31 18.48
CA VAL A 240 -3.91 -6.48 17.61
C VAL A 240 -2.46 -6.52 17.13
N ILE A 241 -1.91 -5.37 16.72
CA ILE A 241 -0.53 -5.36 16.27
C ILE A 241 0.43 -5.56 17.45
N HIS A 242 0.12 -5.01 18.64
CA HIS A 242 0.93 -5.29 19.82
C HIS A 242 1.06 -6.81 20.03
N ARG A 243 -0.06 -7.51 19.99
CA ARG A 243 -0.03 -8.97 20.26
C ARG A 243 0.64 -9.73 19.09
N ALA A 244 0.36 -9.27 17.87
CA ALA A 244 1.00 -9.93 16.73
C ALA A 244 2.53 -9.83 16.84
N MET A 245 3.05 -8.66 17.21
CA MET A 245 4.48 -8.50 17.33
C MET A 245 5.03 -9.41 18.42
N GLU A 246 4.33 -9.52 19.57
CA GLU A 246 4.85 -10.31 20.67
C GLU A 246 4.90 -11.78 20.28
N ILE A 247 3.82 -12.26 19.64
CA ILE A 247 3.67 -13.69 19.34
C ILE A 247 4.42 -14.10 18.09
N TYR A 248 4.37 -13.31 17.02
CA TYR A 248 4.91 -13.72 15.73
C TYR A 248 6.41 -13.36 15.60
N GLU A 249 6.84 -12.30 16.28
CA GLU A 249 8.25 -11.90 16.28
C GLU A 249 8.76 -11.80 14.84
N PRO A 250 8.13 -10.97 14.00
CA PRO A 250 8.62 -10.84 12.62
C PRO A 250 10.04 -10.31 12.58
N GLU A 251 10.79 -10.71 11.54
CA GLU A 251 12.10 -10.17 11.25
C GLU A 251 12.03 -8.93 10.36
N VAL A 252 10.91 -8.73 9.65
CA VAL A 252 10.71 -7.56 8.81
C VAL A 252 9.21 -7.31 8.74
N ILE A 253 8.82 -6.03 8.54
CA ILE A 253 7.43 -5.62 8.44
C ILE A 253 7.20 -4.93 7.10
N VAL A 254 6.05 -5.20 6.47
CA VAL A 254 5.63 -4.46 5.30
C VAL A 254 4.29 -3.82 5.66
N LEU A 255 4.23 -2.48 5.54
CA LEU A 255 3.01 -1.73 5.85
C LEU A 255 2.50 -1.11 4.54
N GLN A 256 1.33 -1.55 4.09
CA GLN A 256 0.62 -0.96 2.96
C GLN A 256 -0.23 0.18 3.51
N CYS A 257 0.03 1.40 3.01
CA CYS A 257 -0.59 2.63 3.50
C CYS A 257 -1.59 3.14 2.46
N GLY A 258 -2.45 2.26 1.95
CA GLY A 258 -3.44 2.67 0.97
C GLY A 258 -4.27 3.85 1.51
N ALA A 259 -4.44 4.90 0.72
CA ALA A 259 -5.03 6.14 1.21
C ALA A 259 -6.51 6.24 0.87
N ASP A 260 -7.07 5.15 0.34
CA ASP A 260 -8.53 5.13 0.04
C ASP A 260 -9.34 4.89 1.33
N SER A 261 -8.65 4.76 2.45
CA SER A 261 -9.33 4.67 3.75
C SER A 261 -9.54 6.07 4.38
N LEU A 262 -9.02 7.10 3.73
CA LEU A 262 -9.19 8.46 4.22
C LEU A 262 -10.61 8.98 4.02
N ALA A 263 -10.95 9.93 4.89
CA ALA A 263 -12.18 10.70 4.76
C ALA A 263 -12.32 11.27 3.35
N GLY A 264 -13.53 11.21 2.80
CA GLY A 264 -13.85 11.89 1.56
C GLY A 264 -13.28 11.25 0.29
N ASP A 265 -12.87 9.98 0.37
CA ASP A 265 -12.37 9.29 -0.82
C ASP A 265 -13.58 8.91 -1.67
N PRO A 266 -13.62 9.19 -2.98
CA PRO A 266 -14.82 8.86 -3.76
C PRO A 266 -15.07 7.37 -4.03
N PHE A 267 -14.11 6.51 -3.67
CA PHE A 267 -14.25 5.05 -3.81
C PHE A 267 -14.07 4.32 -2.49
N GLY A 268 -13.99 5.05 -1.39
CA GLY A 268 -14.03 4.47 -0.05
C GLY A 268 -15.10 5.13 0.81
N THR A 269 -15.44 4.46 1.90
CA THR A 269 -16.54 4.89 2.74
C THR A 269 -16.05 5.13 4.16
N PHE A 270 -14.72 5.10 4.40
CA PHE A 270 -14.17 5.27 5.73
C PHE A 270 -13.97 6.75 5.97
N ASN A 271 -13.55 7.11 7.19
CA ASN A 271 -13.56 8.49 7.62
C ASN A 271 -12.32 8.82 8.45
N LEU A 272 -11.18 8.23 8.07
CA LEU A 272 -9.93 8.48 8.79
C LEU A 272 -9.42 9.87 8.42
N SER A 273 -8.84 10.55 9.40
CA SER A 273 -7.98 11.69 9.12
C SER A 273 -6.60 11.16 8.76
N ILE A 274 -5.75 12.08 8.30
CA ILE A 274 -4.36 11.73 8.07
C ILE A 274 -3.64 11.40 9.38
N LYS A 275 -3.97 12.09 10.48
CA LYS A 275 -3.45 11.75 11.79
C LYS A 275 -3.85 10.32 12.16
N GLY A 276 -5.10 9.93 11.93
CA GLY A 276 -5.54 8.59 12.32
C GLY A 276 -4.93 7.50 11.46
N HIS A 277 -4.73 7.80 10.18
CA HIS A 277 -4.05 6.87 9.27
C HIS A 277 -2.58 6.72 9.68
N GLY A 278 -1.93 7.87 9.92
CA GLY A 278 -0.52 7.95 10.24
C GLY A 278 -0.21 7.37 11.61
N ASP A 279 -1.20 7.38 12.50
CA ASP A 279 -0.98 6.81 13.84
C ASP A 279 -0.64 5.32 13.74
N CYS A 280 -1.17 4.64 12.71
CA CYS A 280 -0.87 3.23 12.50
C CYS A 280 0.61 3.05 12.20
N LEU A 281 1.12 3.84 11.24
CA LEU A 281 2.54 3.81 10.97
C LEU A 281 3.35 4.20 12.20
N GLN A 282 2.94 5.26 12.92
CA GLN A 282 3.72 5.66 14.08
C GLN A 282 3.91 4.47 15.03
N TYR A 283 2.85 3.66 15.22
CA TYR A 283 2.93 2.55 16.16
C TYR A 283 3.90 1.48 15.64
N VAL A 284 3.76 1.12 14.36
CA VAL A 284 4.66 0.16 13.73
C VAL A 284 6.12 0.63 13.73
N ARG A 285 6.34 1.92 13.48
CA ARG A 285 7.69 2.46 13.42
C ARG A 285 8.37 2.43 14.78
N SER A 286 7.58 2.37 15.87
CA SER A 286 8.14 2.33 17.21
C SER A 286 8.93 1.06 17.46
N PHE A 287 8.68 0.00 16.67
CA PHE A 287 9.49 -1.21 16.72
C PHE A 287 10.76 -1.03 15.87
N ASN A 288 11.89 -1.45 16.44
CA ASN A 288 13.18 -1.44 15.77
C ASN A 288 13.34 -2.73 14.97
N VAL A 289 12.44 -2.89 14.02
CA VAL A 289 12.37 -4.03 13.13
C VAL A 289 12.37 -3.46 11.73
N PRO A 290 13.18 -4.02 10.81
CA PRO A 290 13.19 -3.51 9.44
C PRO A 290 11.79 -3.35 8.85
N LEU A 291 11.58 -2.26 8.09
CA LEU A 291 10.23 -1.85 7.69
C LEU A 291 10.23 -1.41 6.23
N MET A 292 9.29 -1.94 5.47
CA MET A 292 8.97 -1.44 4.14
C MET A 292 7.62 -0.71 4.22
N ILE A 293 7.55 0.51 3.65
CA ILE A 293 6.36 1.33 3.61
C ILE A 293 5.93 1.49 2.15
N LEU A 294 4.68 1.11 1.83
CA LEU A 294 4.18 1.19 0.47
C LEU A 294 2.93 2.07 0.41
N GLY A 295 2.64 2.63 -0.76
CA GLY A 295 1.37 3.30 -0.98
C GLY A 295 0.23 2.34 -1.30
N GLY A 296 -0.59 2.73 -2.28
CA GLY A 296 -1.68 1.90 -2.72
C GLY A 296 -2.76 2.74 -3.36
N GLY A 297 -4.01 2.38 -3.07
CA GLY A 297 -5.13 3.15 -3.55
C GLY A 297 -5.22 4.52 -2.88
N GLY A 298 -6.29 5.23 -3.24
CA GLY A 298 -6.47 6.60 -2.76
C GLY A 298 -6.77 7.49 -3.95
N TYR A 299 -7.99 8.06 -4.00
CA TYR A 299 -8.50 8.68 -5.21
C TYR A 299 -8.86 10.17 -5.06
N THR A 300 -8.49 10.78 -3.93
CA THR A 300 -8.51 12.24 -3.80
C THR A 300 -7.05 12.65 -3.78
N LEU A 301 -6.55 13.10 -4.93
CA LEU A 301 -5.11 13.25 -5.08
C LEU A 301 -4.49 14.16 -4.01
N PRO A 302 -5.08 15.34 -3.69
CA PRO A 302 -4.44 16.16 -2.69
C PRO A 302 -4.34 15.51 -1.30
N ASN A 303 -5.31 14.65 -0.97
CA ASN A 303 -5.34 13.98 0.33
C ASN A 303 -4.30 12.87 0.37
N VAL A 304 -4.13 12.17 -0.77
CA VAL A 304 -3.11 11.15 -0.91
C VAL A 304 -1.72 11.74 -0.68
N ALA A 305 -1.44 12.83 -1.40
CA ALA A 305 -0.13 13.47 -1.29
C ALA A 305 0.11 13.97 0.14
N ARG A 306 -0.90 14.57 0.77
CA ARG A 306 -0.74 15.05 2.16
C ARG A 306 -0.43 13.86 3.09
N CYS A 307 -1.17 12.75 2.88
CA CYS A 307 -1.12 11.60 3.77
C CYS A 307 0.30 11.01 3.70
N TRP A 308 0.80 10.80 2.46
CA TRP A 308 2.09 10.17 2.32
C TRP A 308 3.27 11.10 2.66
N CYS A 309 3.09 12.42 2.46
CA CYS A 309 4.06 13.39 2.96
C CYS A 309 4.18 13.31 4.48
N TYR A 310 3.03 13.32 5.15
CA TYR A 310 2.99 13.20 6.60
C TYR A 310 3.65 11.89 7.05
N GLU A 311 3.31 10.78 6.38
CA GLU A 311 3.88 9.51 6.78
C GLU A 311 5.37 9.40 6.50
N THR A 312 5.87 10.09 5.48
CA THR A 312 7.32 10.20 5.27
C THR A 312 7.96 10.85 6.49
N ALA A 313 7.38 11.95 6.97
CA ALA A 313 7.87 12.62 8.17
C ALA A 313 7.87 11.67 9.36
N ILE A 314 6.79 10.90 9.55
CA ILE A 314 6.79 9.91 10.62
C ILE A 314 7.96 8.92 10.43
N ALA A 315 8.15 8.44 9.21
CA ALA A 315 9.24 7.51 8.93
C ALA A 315 10.59 8.09 9.37
N VAL A 316 10.86 9.37 9.08
CA VAL A 316 12.18 9.92 9.35
C VAL A 316 12.26 10.54 10.75
N GLY A 317 11.17 10.57 11.53
CA GLY A 317 11.21 11.13 12.88
C GLY A 317 11.14 12.65 12.92
N GLU A 318 10.43 13.25 11.95
CA GLU A 318 10.23 14.69 11.88
C GLU A 318 8.76 15.01 12.13
N GLN A 319 8.54 16.17 12.74
CA GLN A 319 7.20 16.72 12.92
C GLN A 319 7.00 17.78 11.84
N LEU A 320 5.85 17.79 11.17
CA LEU A 320 5.59 18.79 10.14
C LEU A 320 4.60 19.86 10.61
N ASP A 321 4.86 21.11 10.20
CA ASP A 321 3.92 22.23 10.36
C ASP A 321 2.64 21.97 9.56
N ASN A 322 1.46 22.16 10.14
CA ASN A 322 0.19 21.97 9.44
C ASN A 322 0.00 23.03 8.35
N ASP A 323 0.58 24.23 8.53
CA ASP A 323 0.45 25.26 7.51
C ASP A 323 1.33 24.84 6.34
N LEU A 324 0.72 24.62 5.17
CA LEU A 324 1.48 24.11 4.03
C LEU A 324 2.53 25.11 3.58
N PRO A 325 3.83 24.72 3.47
CA PRO A 325 4.82 25.59 2.81
C PRO A 325 4.52 25.63 1.33
N GLY A 326 5.04 26.63 0.63
CA GLY A 326 4.75 26.75 -0.79
C GLY A 326 5.14 25.47 -1.53
N ASN A 327 4.27 25.03 -2.45
CA ASN A 327 4.53 23.90 -3.33
C ASN A 327 4.05 24.27 -4.73
N ASP A 328 4.25 23.34 -5.67
CA ASP A 328 4.02 23.57 -7.09
C ASP A 328 2.61 23.18 -7.52
N TYR A 329 1.74 22.83 -6.56
CA TYR A 329 0.38 22.39 -6.86
C TYR A 329 -0.61 23.03 -5.89
N MET A 330 -0.35 24.29 -5.55
CA MET A 330 -0.99 24.96 -4.41
C MET A 330 -2.50 25.05 -4.56
N LYS A 331 -2.99 25.27 -5.78
CA LYS A 331 -4.43 25.46 -5.93
C LYS A 331 -5.21 24.23 -5.47
N TYR A 332 -4.59 23.04 -5.50
CA TYR A 332 -5.29 21.81 -5.16
C TYR A 332 -5.51 21.69 -3.66
N PHE A 333 -4.89 22.60 -2.87
CA PHE A 333 -5.02 22.55 -1.41
C PHE A 333 -5.87 23.71 -0.87
N ARG A 334 -6.56 24.42 -1.78
CA ARG A 334 -7.44 25.54 -1.46
C ARG A 334 -8.66 25.02 -0.71
N PRO A 335 -9.35 25.82 0.13
CA PRO A 335 -8.92 27.16 0.53
C PRO A 335 -8.07 27.30 1.79
N ASP A 336 -7.91 26.20 2.54
CA ASP A 336 -7.32 26.25 3.88
C ASP A 336 -5.79 26.06 3.83
N TYR A 337 -5.29 25.38 2.78
CA TYR A 337 -3.86 25.19 2.59
C TYR A 337 -3.23 24.58 3.85
N LYS A 338 -3.81 23.48 4.36
CA LYS A 338 -3.25 22.73 5.48
C LYS A 338 -2.84 21.31 5.08
N LEU A 339 -1.93 20.73 5.86
CA LEU A 339 -1.50 19.36 5.63
C LEU A 339 -2.57 18.38 6.07
N HIS A 340 -3.20 18.66 7.22
CA HIS A 340 -4.16 17.76 7.84
C HIS A 340 -5.55 18.02 7.28
N ILE A 341 -6.40 16.98 7.31
CA ILE A 341 -7.77 17.05 6.87
C ILE A 341 -8.70 16.75 8.03
N LEU A 342 -9.97 17.18 7.88
CA LEU A 342 -10.98 16.92 8.89
C LEU A 342 -11.81 15.75 8.42
N PRO A 343 -12.28 14.90 9.35
CA PRO A 343 -13.25 13.87 8.97
C PRO A 343 -14.53 14.55 8.52
N THR A 344 -15.28 13.88 7.65
CA THR A 344 -16.56 14.35 7.17
C THR A 344 -17.62 14.00 8.22
N ASN A 345 -18.86 14.39 7.90
CA ASN A 345 -19.99 14.12 8.76
C ASN A 345 -20.47 12.67 8.70
N ARG A 346 -19.80 11.82 7.91
CA ARG A 346 -20.26 10.46 7.69
C ARG A 346 -20.37 9.72 9.04
N GLN A 347 -21.49 9.04 9.30
CA GLN A 347 -21.60 8.28 10.54
C GLN A 347 -20.66 7.08 10.52
N ASN A 348 -20.16 6.71 11.70
CA ASN A 348 -19.39 5.48 11.83
C ASN A 348 -20.33 4.31 12.18
N LEU A 349 -20.47 3.33 11.28
CA LEU A 349 -21.29 2.17 11.56
C LEU A 349 -20.57 1.15 12.43
N ASN A 350 -19.25 1.30 12.61
CA ASN A 350 -18.50 0.45 13.54
C ASN A 350 -18.70 0.96 14.97
N THR A 351 -19.58 0.30 15.73
CA THR A 351 -19.85 0.70 17.09
C THR A 351 -18.67 0.34 17.98
N ARG A 352 -18.60 0.99 19.16
CA ARG A 352 -17.65 0.61 20.18
C ARG A 352 -17.70 -0.89 20.43
N LEU A 353 -18.91 -1.47 20.49
CA LEU A 353 -19.05 -2.87 20.78
C LEU A 353 -18.64 -3.74 19.59
N ASP A 354 -18.82 -3.22 18.38
CA ASP A 354 -18.32 -3.93 17.21
C ASP A 354 -16.80 -4.04 17.27
N ILE A 355 -16.14 -2.97 17.71
CA ILE A 355 -14.68 -2.94 17.79
C ILE A 355 -14.18 -3.88 18.88
N ILE A 356 -14.84 -3.92 20.04
CA ILE A 356 -14.44 -4.84 21.10
C ILE A 356 -14.63 -6.26 20.58
N THR A 357 -15.75 -6.50 19.93
CA THR A 357 -16.02 -7.86 19.40
C THR A 357 -14.86 -8.33 18.49
N MET A 358 -14.51 -7.50 17.53
CA MET A 358 -13.45 -7.88 16.55
C MET A 358 -12.10 -8.00 17.26
N ARG A 359 -11.83 -7.11 18.21
CA ARG A 359 -10.60 -7.16 18.95
C ARG A 359 -10.48 -8.50 19.68
N GLU A 360 -11.51 -8.92 20.41
CA GLU A 360 -11.40 -10.13 21.18
C GLU A 360 -11.25 -11.32 20.26
N THR A 361 -11.91 -11.30 19.10
CA THR A 361 -11.80 -12.39 18.14
C THR A 361 -10.35 -12.55 17.65
N LEU A 362 -9.73 -11.43 17.24
CA LEU A 362 -8.39 -11.45 16.70
C LEU A 362 -7.36 -11.79 17.78
N LEU A 363 -7.52 -11.24 18.98
CA LEU A 363 -6.59 -11.57 20.05
C LEU A 363 -6.64 -13.07 20.36
N ALA A 364 -7.86 -13.65 20.36
CA ALA A 364 -8.01 -15.07 20.61
C ALA A 364 -7.32 -15.87 19.50
N GLN A 365 -7.47 -15.42 18.26
CA GLN A 365 -6.81 -16.10 17.15
C GLN A 365 -5.29 -16.10 17.32
N LEU A 366 -4.72 -14.99 17.77
CA LEU A 366 -3.29 -14.90 17.92
C LEU A 366 -2.83 -15.86 19.02
N SER A 367 -3.64 -16.03 20.08
CA SER A 367 -3.29 -16.97 21.12
C SER A 367 -3.13 -18.37 20.53
N LEU A 368 -3.95 -18.72 19.51
CA LEU A 368 -3.89 -20.05 18.91
C LEU A 368 -2.58 -20.27 18.14
N VAL A 369 -1.96 -19.20 17.67
CA VAL A 369 -0.65 -19.29 17.02
C VAL A 369 0.37 -19.95 17.94
N MET A 370 0.30 -19.74 19.27
CA MET A 370 1.27 -20.31 20.19
CA MET A 370 1.29 -20.30 20.17
C MET A 370 1.17 -21.84 20.23
N HIS A 371 0.04 -22.40 19.75
CA HIS A 371 -0.20 -23.84 19.82
C HIS A 371 -0.02 -24.50 18.46
N ALA A 372 0.60 -23.78 17.52
CA ALA A 372 0.80 -24.28 16.17
C ALA A 372 1.69 -25.53 16.21
N PRO A 373 1.47 -26.52 15.33
CA PRO A 373 2.23 -27.78 15.46
C PRO A 373 3.75 -27.61 15.36
N SER A 374 4.19 -26.59 14.58
CA SER A 374 5.59 -26.26 14.40
C SER A 374 5.79 -24.74 14.47
N VAL A 375 7.05 -24.32 14.67
CA VAL A 375 7.42 -22.91 14.76
C VAL A 375 8.20 -22.54 13.50
N PRO A 376 7.93 -21.40 12.81
CA PRO A 376 8.76 -20.99 11.67
C PRO A 376 10.11 -20.33 12.04
#